data_4ERN
#
_entry.id   4ERN
#
_cell.length_a   38.260
_cell.length_b   73.650
_cell.length_c   84.300
_cell.angle_alpha   90.00
_cell.angle_beta   90.00
_cell.angle_gamma   90.00
#
_symmetry.space_group_name_H-M   'P 21 21 21'
#
loop_
_entity.id
_entity.type
_entity.pdbx_description
1 polymer 'TFIIH basal transcription factor complex helicase XPB subunit'
2 water water
#
_entity_poly.entity_id   1
_entity_poly.type   'polypeptide(L)'
_entity_poly.pdbx_seq_one_letter_code
;MELQNNGYIAKVQCAEVWCPMSPEFYREYVAIKTKKRILLYTMNPNKFRACQFLIKFHERRNDKIIVFADNVFALKEYAI
RLNKPYIYGPTSQGERMQILQNFKHNPKINTIFISKVGDTSFDLPEANVLIQISSHGGSRRQEAQRLGRVLRAKKGMVAE
EYNAFFYSLVSQDTQEMAYSTKRQRFLVDQGYSFKVITKLAGMEEEDLAFSTKEEQQQLLQKVLAATDLDAEEEVVAGEF
GSRSSQASRRFGTMSSMSGADDTVYMEYHSSRSKAPSKHVHPLFKRFRK
;
_entity_poly.pdbx_strand_id   A
#
# COMPACT_ATOMS: atom_id res chain seq x y z
N ILE A 9 -17.56 10.99 -13.96
CA ILE A 9 -16.27 11.28 -13.33
C ILE A 9 -15.50 9.97 -13.07
N ALA A 10 -14.70 9.96 -12.02
CA ALA A 10 -14.03 8.73 -11.60
C ALA A 10 -15.05 7.70 -11.08
N LYS A 11 -15.01 6.48 -11.63
CA LYS A 11 -15.79 5.36 -11.07
C LYS A 11 -14.87 4.38 -10.35
N VAL A 12 -14.89 4.37 -9.02
CA VAL A 12 -13.85 3.69 -8.24
C VAL A 12 -14.24 2.28 -7.74
N GLN A 13 -13.45 1.27 -8.07
CA GLN A 13 -13.62 -0.02 -7.43
C GLN A 13 -12.76 -0.01 -6.16
N CYS A 14 -13.39 -0.21 -5.00
CA CYS A 14 -12.63 -0.36 -3.73
C CYS A 14 -12.49 -1.84 -3.37
N ALA A 15 -11.31 -2.24 -2.92
CA ALA A 15 -11.11 -3.63 -2.56
C ALA A 15 -10.21 -3.69 -1.33
N GLU A 16 -10.53 -4.59 -0.40
CA GLU A 16 -9.53 -5.05 0.56
C GLU A 16 -8.90 -6.34 0.06
N VAL A 17 -7.58 -6.44 0.21
CA VAL A 17 -6.88 -7.63 -0.23
C VAL A 17 -6.34 -8.27 1.02
N TRP A 18 -6.92 -9.42 1.35
CA TRP A 18 -6.56 -10.13 2.56
C TRP A 18 -5.42 -11.08 2.26
N CYS A 19 -4.36 -10.99 3.04
CA CYS A 19 -3.15 -11.74 2.77
C CYS A 19 -2.79 -12.52 4.02
N PRO A 20 -2.54 -13.83 3.86
CA PRO A 20 -2.16 -14.63 5.03
C PRO A 20 -0.82 -14.20 5.60
N MET A 21 -0.62 -14.40 6.90
CA MET A 21 0.67 -14.12 7.47
C MET A 21 1.53 -15.32 7.25
N SER A 22 2.76 -15.10 6.76
CA SER A 22 3.75 -16.16 6.72
C SER A 22 3.89 -16.67 8.15
N PRO A 23 3.93 -18.00 8.31
CA PRO A 23 3.94 -18.62 9.65
C PRO A 23 5.07 -18.10 10.57
N GLU A 24 6.23 -17.85 9.99
CA GLU A 24 7.36 -17.29 10.71
C GLU A 24 7.06 -15.88 11.17
N PHE A 25 6.37 -15.11 10.32
CA PHE A 25 5.99 -13.77 10.74
C PHE A 25 4.88 -13.85 11.78
N TYR A 26 3.94 -14.79 11.63
CA TYR A 26 2.83 -14.88 12.57
C TYR A 26 3.32 -15.27 13.98
N ARG A 27 4.32 -16.14 14.01
CA ARG A 27 4.94 -16.58 15.24
CA ARG A 27 4.94 -16.58 15.24
C ARG A 27 5.46 -15.43 16.09
N GLU A 28 6.20 -14.52 15.45
CA GLU A 28 6.82 -13.40 16.14
C GLU A 28 5.78 -12.35 16.49
N TYR A 29 4.78 -12.20 15.61
CA TYR A 29 3.68 -11.26 15.77
C TYR A 29 2.99 -11.53 17.11
N VAL A 30 2.74 -12.81 17.36
CA VAL A 30 2.14 -13.22 18.63
C VAL A 30 3.08 -12.93 19.83
N ALA A 31 4.33 -13.36 19.72
CA ALA A 31 5.28 -13.27 20.83
C ALA A 31 5.59 -11.83 21.27
N ILE A 32 5.59 -10.90 20.32
CA ILE A 32 5.94 -9.50 20.61
C ILE A 32 4.71 -8.68 21.01
N LYS A 33 4.81 -7.93 22.11
CA LYS A 33 3.64 -7.26 22.69
C LYS A 33 3.62 -5.73 22.46
N THR A 34 4.79 -5.14 22.19
CA THR A 34 4.91 -3.71 21.93
C THR A 34 4.59 -3.38 20.47
N LYS A 35 4.37 -2.10 20.19
CA LYS A 35 3.90 -1.65 18.87
C LYS A 35 4.81 -2.07 17.73
N LYS A 36 6.00 -2.56 18.09
CA LYS A 36 6.94 -3.17 17.15
C LYS A 36 6.26 -4.22 16.27
N ARG A 37 5.29 -4.91 16.84
CA ARG A 37 4.55 -5.99 16.15
C ARG A 37 3.77 -5.54 14.89
N ILE A 38 3.45 -4.25 14.82
CA ILE A 38 2.84 -3.62 13.65
C ILE A 38 3.72 -3.80 12.43
N LEU A 39 5.03 -3.76 12.64
CA LEU A 39 5.95 -3.95 11.52
C LEU A 39 5.88 -5.37 10.92
N LEU A 40 5.52 -6.36 11.74
CA LEU A 40 5.46 -7.73 11.26
C LEU A 40 4.25 -7.92 10.35
N TYR A 41 3.14 -7.27 10.68
CA TYR A 41 2.01 -7.40 9.76
C TYR A 41 2.07 -6.48 8.54
N THR A 42 2.90 -5.45 8.64
CA THR A 42 3.11 -4.52 7.55
C THR A 42 4.09 -5.10 6.52
N MET A 43 5.15 -5.75 7.02
CA MET A 43 6.19 -6.30 6.13
C MET A 43 5.94 -7.75 5.74
N ASN A 44 4.90 -8.36 6.29
CA ASN A 44 4.51 -9.70 5.91
C ASN A 44 4.73 -9.88 4.41
N PRO A 45 5.52 -10.89 4.05
CA PRO A 45 5.93 -11.09 2.65
C PRO A 45 4.75 -11.39 1.72
N ASN A 46 3.69 -12.03 2.20
CA ASN A 46 2.49 -12.19 1.37
C ASN A 46 1.84 -10.87 0.99
N LYS A 47 1.96 -9.89 1.86
CA LYS A 47 1.37 -8.59 1.59
C LYS A 47 2.28 -7.85 0.60
N PHE A 48 3.59 -7.95 0.79
CA PHE A 48 4.53 -7.36 -0.16
C PHE A 48 4.29 -7.92 -1.57
N ARG A 49 4.13 -9.23 -1.66
CA ARG A 49 3.93 -9.90 -2.96
C ARG A 49 2.62 -9.45 -3.64
N ALA A 50 1.56 -9.30 -2.85
CA ALA A 50 0.30 -8.74 -3.34
C ALA A 50 0.46 -7.33 -3.89
N CYS A 51 1.16 -6.47 -3.14
CA CYS A 51 1.47 -5.10 -3.58
C CYS A 51 2.27 -5.14 -4.87
N GLN A 52 3.31 -5.97 -4.89
CA GLN A 52 4.14 -6.07 -6.09
C GLN A 52 3.29 -6.51 -7.29
N PHE A 53 2.45 -7.52 -7.08
CA PHE A 53 1.62 -8.00 -8.20
C PHE A 53 0.67 -6.92 -8.70
N LEU A 54 0.03 -6.21 -7.78
CA LEU A 54 -0.90 -5.14 -8.20
C LEU A 54 -0.25 -4.03 -8.98
N ILE A 55 1.00 -3.70 -8.62
CA ILE A 55 1.73 -2.66 -9.35
C ILE A 55 1.98 -3.16 -10.80
N LYS A 56 2.41 -4.43 -10.92
CA LYS A 56 2.63 -5.03 -12.24
C LYS A 56 1.37 -5.05 -13.10
N PHE A 57 0.27 -5.48 -12.49
CA PHE A 57 -1.01 -5.61 -13.17
C PHE A 57 -1.42 -4.26 -13.73
N HIS A 58 -1.31 -3.23 -12.89
CA HIS A 58 -1.76 -1.89 -13.29
C HIS A 58 -0.77 -1.17 -14.20
N GLU A 59 0.52 -1.40 -14.01
CA GLU A 59 1.50 -0.75 -14.90
C GLU A 59 1.35 -1.31 -16.32
N ARG A 60 0.87 -2.55 -16.44
CA ARG A 60 0.68 -3.17 -17.78
C ARG A 60 -0.43 -2.45 -18.51
N ARG A 61 -1.29 -1.81 -17.72
CA ARG A 61 -2.43 -1.07 -18.24
CA ARG A 61 -2.42 -1.08 -18.27
C ARG A 61 -2.11 0.39 -18.41
N ASN A 62 -0.84 0.73 -18.19
CA ASN A 62 -0.39 2.12 -18.15
CA ASN A 62 -0.39 2.12 -18.13
C ASN A 62 -1.25 2.99 -17.22
N ASP A 63 -1.62 2.45 -16.05
CA ASP A 63 -2.30 3.23 -15.02
C ASP A 63 -1.22 3.98 -14.21
N LYS A 64 -1.58 5.09 -13.58
CA LYS A 64 -0.66 5.74 -12.63
C LYS A 64 -1.04 5.24 -11.24
N ILE A 65 -0.04 4.96 -10.42
CA ILE A 65 -0.27 4.25 -9.16
C ILE A 65 0.46 5.02 -8.08
N ILE A 66 -0.25 5.32 -7.01
CA ILE A 66 0.40 5.79 -5.81
C ILE A 66 0.24 4.72 -4.77
N VAL A 67 1.36 4.38 -4.10
CA VAL A 67 1.31 3.47 -2.95
C VAL A 67 1.56 4.28 -1.68
N PHE A 68 0.61 4.24 -0.75
CA PHE A 68 0.72 4.99 0.51
CA PHE A 68 0.76 4.98 0.52
C PHE A 68 1.22 4.07 1.64
N ALA A 69 2.25 4.52 2.37
CA ALA A 69 2.74 3.81 3.52
C ALA A 69 2.73 4.86 4.65
N ASP A 70 2.22 4.54 5.83
CA ASP A 70 2.19 5.56 6.90
C ASP A 70 3.43 5.40 7.80
N ASN A 71 4.18 4.38 7.45
CA ASN A 71 5.32 3.93 8.20
C ASN A 71 6.60 4.00 7.34
N VAL A 72 7.57 4.81 7.76
CA VAL A 72 8.81 5.05 7.00
C VAL A 72 9.69 3.80 6.77
N PHE A 73 9.76 2.95 7.79
CA PHE A 73 10.50 1.71 7.65
C PHE A 73 9.92 0.93 6.48
N ALA A 74 8.60 0.85 6.43
CA ALA A 74 7.91 0.11 5.36
C ALA A 74 8.01 0.81 4.01
N LEU A 75 7.84 2.13 4.02
CA LEU A 75 7.95 2.94 2.81
C LEU A 75 9.24 2.63 2.08
N LYS A 76 10.35 2.62 2.78
CA LYS A 76 11.61 2.35 2.13
C LYS A 76 11.82 0.89 1.72
N GLU A 77 11.41 -0.05 2.56
CA GLU A 77 11.64 -1.47 2.26
C GLU A 77 10.88 -1.79 0.97
N TYR A 78 9.65 -1.31 0.87
CA TYR A 78 8.89 -1.53 -0.36
C TYR A 78 9.46 -0.78 -1.57
N ALA A 79 9.66 0.53 -1.46
CA ALA A 79 9.99 1.31 -2.65
C ALA A 79 11.34 0.94 -3.21
N ILE A 80 12.31 0.67 -2.33
CA ILE A 80 13.70 0.49 -2.80
C ILE A 80 13.78 -0.89 -3.43
N ARG A 81 13.09 -1.83 -2.83
CA ARG A 81 13.07 -3.19 -3.36
C ARG A 81 12.39 -3.25 -4.73
N LEU A 82 11.34 -2.46 -4.93
CA LEU A 82 10.57 -2.45 -6.17
C LEU A 82 11.09 -1.41 -7.14
N ASN A 83 12.16 -0.70 -6.74
CA ASN A 83 12.81 0.32 -7.58
C ASN A 83 11.79 1.35 -8.03
N LYS A 84 11.04 1.90 -7.07
CA LYS A 84 10.17 3.04 -7.35
C LYS A 84 10.57 4.23 -6.48
N PRO A 85 10.34 5.46 -6.98
CA PRO A 85 10.66 6.65 -6.18
C PRO A 85 9.77 6.72 -4.95
N TYR A 86 10.28 7.33 -3.90
CA TYR A 86 9.45 7.54 -2.71
C TYR A 86 9.59 8.95 -2.18
N ILE A 87 8.52 9.44 -1.55
CA ILE A 87 8.54 10.76 -0.96
C ILE A 87 8.11 10.64 0.49
N TYR A 88 8.85 11.26 1.39
CA TYR A 88 8.38 11.35 2.77
C TYR A 88 8.88 12.66 3.37
N GLY A 89 8.65 12.88 4.68
CA GLY A 89 9.02 14.13 5.33
C GLY A 89 10.33 14.81 4.98
N PRO A 90 11.46 14.09 5.14
CA PRO A 90 12.78 14.66 4.86
C PRO A 90 13.12 14.80 3.38
N THR A 91 12.29 14.30 2.47
CA THR A 91 12.59 14.50 1.06
C THR A 91 12.57 16.00 0.80
N SER A 92 13.64 16.53 0.22
CA SER A 92 13.75 17.96 -0.05
C SER A 92 12.68 18.43 -1.03
N GLN A 93 12.34 19.72 -0.98
CA GLN A 93 11.40 20.28 -1.93
C GLN A 93 11.81 20.02 -3.39
N GLY A 94 13.09 20.20 -3.71
CA GLY A 94 13.58 19.91 -5.06
C GLY A 94 13.38 18.46 -5.48
N GLU A 95 13.78 17.51 -4.65
CA GLU A 95 13.67 16.11 -5.03
C GLU A 95 12.20 15.71 -5.12
N ARG A 96 11.38 16.21 -4.20
CA ARG A 96 9.94 15.95 -4.20
C ARG A 96 9.29 16.43 -5.50
N MET A 97 9.57 17.66 -5.90
CA MET A 97 9.05 18.14 -7.16
C MET A 97 9.61 17.37 -8.37
N GLN A 98 10.86 16.90 -8.30
CA GLN A 98 11.39 16.09 -9.41
C GLN A 98 10.57 14.83 -9.60
N ILE A 99 10.29 14.18 -8.49
CA ILE A 99 9.55 12.94 -8.48
C ILE A 99 8.11 13.17 -8.93
N LEU A 100 7.46 14.22 -8.43
CA LEU A 100 6.08 14.48 -8.81
C LEU A 100 6.00 14.83 -10.28
N GLN A 101 6.95 15.61 -10.77
CA GLN A 101 6.92 15.95 -12.18
C GLN A 101 7.17 14.72 -13.05
N ASN A 102 8.11 13.87 -12.64
CA ASN A 102 8.29 12.56 -13.28
C ASN A 102 7.03 11.69 -13.28
N PHE A 103 6.42 11.52 -12.12
CA PHE A 103 5.14 10.79 -12.03
C PHE A 103 4.12 11.37 -13.01
N LYS A 104 4.03 12.70 -13.09
CA LYS A 104 2.94 13.32 -13.81
C LYS A 104 3.16 13.22 -15.30
N HIS A 105 4.42 13.37 -15.73
CA HIS A 105 4.74 13.59 -17.14
C HIS A 105 5.63 12.56 -17.85
N ASN A 106 6.43 11.79 -17.09
CA ASN A 106 7.33 10.80 -17.70
C ASN A 106 6.69 9.42 -17.71
N PRO A 107 6.43 8.89 -18.92
CA PRO A 107 5.70 7.63 -19.12
C PRO A 107 6.47 6.41 -18.59
N LYS A 108 7.73 6.59 -18.20
CA LYS A 108 8.53 5.48 -17.67
C LYS A 108 8.40 5.39 -16.15
N ILE A 109 7.78 6.40 -15.54
CA ILE A 109 7.68 6.50 -14.09
C ILE A 109 6.20 6.65 -13.69
N ASN A 110 5.51 5.52 -13.53
CA ASN A 110 4.08 5.60 -13.27
C ASN A 110 3.64 5.06 -11.91
N THR A 111 4.61 4.73 -11.06
CA THR A 111 4.29 4.31 -9.71
C THR A 111 5.21 5.08 -8.78
N ILE A 112 4.64 5.70 -7.75
CA ILE A 112 5.45 6.30 -6.70
C ILE A 112 4.90 5.93 -5.33
N PHE A 113 5.76 6.02 -4.31
CA PHE A 113 5.42 5.70 -2.92
C PHE A 113 5.40 7.01 -2.16
N ILE A 114 4.36 7.25 -1.35
CA ILE A 114 4.27 8.48 -0.57
C ILE A 114 3.88 8.15 0.86
N SER A 115 4.46 8.84 1.84
CA SER A 115 4.09 8.59 3.23
C SER A 115 2.95 9.52 3.69
N LYS A 116 2.75 9.62 5.00
CA LYS A 116 1.72 10.49 5.59
C LYS A 116 1.88 11.97 5.24
N VAL A 117 3.02 12.33 4.64
CA VAL A 117 3.23 13.72 4.22
C VAL A 117 2.33 14.12 3.06
N GLY A 118 1.75 13.11 2.40
CA GLY A 118 0.88 13.32 1.26
C GLY A 118 -0.43 14.00 1.58
N ASP A 119 -0.99 13.71 2.76
CA ASP A 119 -2.30 14.23 3.15
C ASP A 119 -2.34 14.67 4.62
N THR A 120 -2.29 15.98 4.87
CA THR A 120 -2.10 17.05 3.89
C THR A 120 -1.17 18.04 4.61
N SER A 121 -0.45 18.92 3.90
CA SER A 121 -0.57 19.12 2.47
C SER A 121 0.73 19.47 1.76
N PHE A 122 1.02 18.69 0.72
CA PHE A 122 1.54 19.26 -0.50
C PHE A 122 0.47 18.87 -1.50
N ASP A 123 0.63 19.25 -2.76
CA ASP A 123 -0.38 18.89 -3.76
C ASP A 123 -0.23 17.44 -4.19
N LEU A 124 -1.02 16.57 -3.56
CA LEU A 124 -1.13 15.18 -3.97
C LEU A 124 -1.35 15.13 -5.47
N PRO A 125 -0.56 14.31 -6.18
CA PRO A 125 -0.79 14.25 -7.63
C PRO A 125 -1.98 13.35 -7.89
N GLU A 126 -2.47 13.34 -9.12
CA GLU A 126 -3.59 12.48 -9.49
C GLU A 126 -3.08 11.11 -9.89
N ALA A 127 -3.91 10.10 -9.67
CA ALA A 127 -3.53 8.76 -10.07
C ALA A 127 -4.79 7.98 -10.37
N ASN A 128 -4.63 6.84 -11.03
CA ASN A 128 -5.75 5.98 -11.31
C ASN A 128 -5.87 4.84 -10.30
N VAL A 129 -4.82 4.63 -9.50
CA VAL A 129 -4.82 3.52 -8.58
C VAL A 129 -4.16 4.00 -7.31
N LEU A 130 -4.79 3.66 -6.19
CA LEU A 130 -4.23 4.00 -4.88
C LEU A 130 -4.14 2.70 -4.07
N ILE A 131 -2.95 2.34 -3.62
CA ILE A 131 -2.79 1.11 -2.80
C ILE A 131 -2.32 1.53 -1.43
N GLN A 132 -3.05 1.14 -0.38
CA GLN A 132 -2.66 1.44 1.01
C GLN A 132 -2.07 0.17 1.59
N ILE A 133 -0.79 0.21 1.95
CA ILE A 133 -0.08 -0.92 2.50
C ILE A 133 -0.61 -1.28 3.89
N SER A 134 -1.04 -0.27 4.64
CA SER A 134 -1.46 -0.53 6.01
CA SER A 134 -1.45 -0.49 6.04
C SER A 134 -2.85 0.00 6.32
N SER A 135 -3.38 -0.48 7.44
CA SER A 135 -4.63 0.03 7.97
C SER A 135 -4.49 0.16 9.48
N HIS A 136 -5.03 1.23 10.06
CA HIS A 136 -4.82 1.45 11.49
C HIS A 136 -5.89 2.32 12.15
N GLY A 137 -5.76 2.46 13.46
CA GLY A 137 -6.60 3.33 14.26
C GLY A 137 -6.26 4.80 14.10
N GLY A 138 -7.26 5.57 13.68
CA GLY A 138 -8.56 5.01 13.41
C GLY A 138 -9.35 5.75 12.36
N SER A 139 -8.68 6.57 11.56
CA SER A 139 -9.42 7.47 10.69
C SER A 139 -9.87 6.86 9.36
N ARG A 140 -11.06 6.28 9.42
CA ARG A 140 -11.85 5.92 8.26
C ARG A 140 -12.11 7.17 7.40
N ARG A 141 -12.30 8.32 8.03
CA ARG A 141 -12.65 9.52 7.24
C ARG A 141 -11.46 10.14 6.48
N GLN A 142 -10.25 10.04 7.02
CA GLN A 142 -9.07 10.54 6.32
C GLN A 142 -8.79 9.63 5.09
N GLU A 143 -9.11 8.37 5.22
CA GLU A 143 -8.91 7.42 4.12
C GLU A 143 -9.75 7.79 2.90
N ALA A 144 -11.03 8.10 3.14
CA ALA A 144 -11.97 8.35 2.06
C ALA A 144 -11.63 9.68 1.39
N GLN A 145 -11.22 10.64 2.21
CA GLN A 145 -10.77 11.93 1.74
C GLN A 145 -9.56 11.76 0.80
N ARG A 146 -8.60 10.94 1.20
CA ARG A 146 -7.40 10.76 0.38
C ARG A 146 -7.72 10.05 -0.93
N LEU A 147 -8.49 8.98 -0.82
CA LEU A 147 -9.07 8.30 -1.97
C LEU A 147 -9.70 9.33 -2.94
N GLY A 148 -10.61 10.14 -2.42
CA GLY A 148 -11.23 11.18 -3.23
C GLY A 148 -10.30 12.19 -3.90
N ARG A 149 -9.36 12.74 -3.14
CA ARG A 149 -8.36 13.68 -3.68
CA ARG A 149 -8.38 13.68 -3.70
C ARG A 149 -7.47 13.08 -4.78
N VAL A 150 -7.05 11.83 -4.59
CA VAL A 150 -6.07 11.22 -5.47
C VAL A 150 -6.65 10.64 -6.75
N LEU A 151 -7.75 9.90 -6.63
CA LEU A 151 -8.22 9.08 -7.73
C LEU A 151 -8.92 9.83 -8.86
N ARG A 152 -8.37 9.72 -10.05
CA ARG A 152 -9.04 10.26 -11.23
C ARG A 152 -9.28 9.15 -12.24
N ALA A 153 -10.31 9.36 -13.03
CA ALA A 153 -10.67 8.45 -14.10
C ALA A 153 -9.53 8.32 -15.11
N LYS A 154 -9.13 7.07 -15.34
CA LYS A 154 -8.25 6.73 -16.43
C LYS A 154 -8.95 7.10 -17.74
N LYS A 155 -8.31 7.97 -18.52
CA LYS A 155 -8.84 8.33 -19.84
C LYS A 155 -8.17 7.48 -20.92
N GLY A 156 -8.96 6.93 -21.84
CA GLY A 156 -10.41 7.03 -21.77
C GLY A 156 -11.06 5.66 -21.75
N MET A 157 -11.65 5.31 -20.61
CA MET A 157 -12.44 4.09 -20.48
C MET A 157 -13.83 4.46 -19.97
N VAL A 158 -14.50 5.34 -20.71
CA VAL A 158 -15.84 5.81 -20.34
C VAL A 158 -16.85 4.67 -20.46
N ALA A 159 -16.53 3.70 -21.31
CA ALA A 159 -17.38 2.51 -21.47
C ALA A 159 -17.32 1.66 -20.23
N GLU A 160 -16.12 1.53 -19.66
CA GLU A 160 -15.84 0.62 -18.55
C GLU A 160 -16.64 0.88 -17.28
N GLU A 161 -16.85 -0.19 -16.49
CA GLU A 161 -17.58 -0.08 -15.23
C GLU A 161 -16.75 0.68 -14.18
N TYR A 162 -15.47 0.32 -14.08
CA TYR A 162 -14.53 1.01 -13.16
C TYR A 162 -13.30 1.55 -13.88
N ASN A 163 -12.98 2.81 -13.59
CA ASN A 163 -11.87 3.47 -14.24
C ASN A 163 -10.84 3.96 -13.23
N ALA A 164 -11.06 3.60 -11.97
CA ALA A 164 -10.06 3.93 -10.91
C ALA A 164 -10.17 2.90 -9.80
N PHE A 165 -9.11 2.74 -9.02
CA PHE A 165 -9.01 1.55 -8.15
C PHE A 165 -8.35 1.93 -6.86
N PHE A 166 -8.96 1.51 -5.77
CA PHE A 166 -8.40 1.67 -4.43
C PHE A 166 -8.26 0.27 -3.84
N TYR A 167 -7.09 -0.04 -3.28
CA TYR A 167 -6.84 -1.34 -2.65
C TYR A 167 -6.28 -1.08 -1.26
N SER A 168 -6.78 -1.80 -0.27
CA SER A 168 -6.19 -1.67 1.08
C SER A 168 -5.72 -3.06 1.43
N LEU A 169 -4.44 -3.23 1.75
CA LEU A 169 -3.86 -4.57 1.91
C LEU A 169 -3.96 -4.91 3.40
N VAL A 170 -4.48 -6.09 3.74
CA VAL A 170 -4.75 -6.44 5.12
C VAL A 170 -4.08 -7.76 5.44
N SER A 171 -3.38 -7.84 6.57
CA SER A 171 -2.81 -9.10 6.98
C SER A 171 -3.78 -9.90 7.84
N GLN A 172 -4.10 -11.11 7.39
CA GLN A 172 -4.99 -12.01 8.14
C GLN A 172 -4.43 -12.37 9.51
N ASP A 173 -5.31 -12.71 10.45
CA ASP A 173 -4.88 -13.17 11.78
C ASP A 173 -4.11 -12.11 12.57
N THR A 174 -4.28 -10.85 12.18
CA THR A 174 -3.65 -9.75 12.91
C THR A 174 -4.70 -8.72 13.24
N GLN A 175 -4.34 -7.71 14.04
CA GLN A 175 -5.27 -6.67 14.44
C GLN A 175 -5.75 -5.83 13.24
N GLU A 176 -5.04 -5.94 12.12
CA GLU A 176 -5.46 -5.28 10.88
C GLU A 176 -6.85 -5.60 10.41
N MET A 177 -7.31 -6.81 10.70
CA MET A 177 -8.62 -7.23 10.22
CA MET A 177 -8.62 -7.26 10.23
C MET A 177 -9.77 -6.47 10.85
N ALA A 178 -9.61 -6.06 12.10
CA ALA A 178 -10.69 -5.39 12.85
C ALA A 178 -11.11 -4.11 12.16
N TYR A 179 -10.15 -3.50 11.49
CA TYR A 179 -10.35 -2.25 10.76
C TYR A 179 -11.18 -2.46 9.47
N SER A 180 -11.49 -3.73 9.13
CA SER A 180 -12.07 -4.11 7.82
C SER A 180 -13.58 -4.09 7.69
N THR A 181 -14.25 -4.62 8.70
CA THR A 181 -15.69 -4.63 8.70
C THR A 181 -16.12 -3.17 8.75
N LYS A 182 -15.36 -2.39 9.53
CA LYS A 182 -15.51 -0.95 9.66
C LYS A 182 -15.31 -0.20 8.35
N ARG A 183 -14.18 -0.44 7.69
CA ARG A 183 -13.91 0.24 6.42
C ARG A 183 -14.95 -0.12 5.37
N GLN A 184 -15.32 -1.38 5.28
CA GLN A 184 -16.29 -1.80 4.26
C GLN A 184 -17.60 -1.07 4.47
N ARG A 185 -18.12 -1.10 5.71
CA ARG A 185 -19.37 -0.41 6.00
C ARG A 185 -19.26 1.07 5.64
N PHE A 186 -18.17 1.71 6.04
CA PHE A 186 -18.03 3.16 5.85
C PHE A 186 -17.96 3.53 4.36
N LEU A 187 -17.13 2.81 3.60
CA LEU A 187 -16.99 3.10 2.17
C LEU A 187 -18.26 2.87 1.37
N VAL A 188 -19.02 1.82 1.68
CA VAL A 188 -20.24 1.60 0.92
C VAL A 188 -21.28 2.65 1.30
N ASP A 189 -21.36 2.96 2.60
CA ASP A 189 -22.22 4.05 3.09
C ASP A 189 -21.87 5.39 2.43
N GLN A 190 -20.63 5.50 1.97
CA GLN A 190 -20.17 6.69 1.26
C GLN A 190 -20.45 6.56 -0.24
N GLY A 191 -21.07 5.47 -0.64
CA GLY A 191 -21.42 5.29 -2.04
C GLY A 191 -20.42 4.55 -2.91
N TYR A 192 -19.46 3.83 -2.30
CA TYR A 192 -18.50 3.06 -3.09
C TYR A 192 -18.81 1.57 -3.29
N SER A 193 -18.56 1.11 -4.51
CA SER A 193 -18.46 -0.30 -4.79
C SER A 193 -17.26 -0.87 -4.03
N PHE A 194 -17.49 -1.95 -3.29
CA PHE A 194 -16.49 -2.48 -2.40
C PHE A 194 -16.49 -4.00 -2.41
N LYS A 195 -15.30 -4.61 -2.47
CA LYS A 195 -15.23 -6.05 -2.30
C LYS A 195 -13.99 -6.50 -1.53
N VAL A 196 -14.02 -7.75 -1.11
CA VAL A 196 -12.90 -8.40 -0.45
C VAL A 196 -12.26 -9.42 -1.41
N ILE A 197 -10.95 -9.26 -1.64
CA ILE A 197 -10.19 -10.18 -2.51
C ILE A 197 -9.33 -11.05 -1.60
N THR A 198 -9.45 -12.38 -1.68
CA THR A 198 -8.63 -13.25 -0.84
C THR A 198 -7.51 -13.91 -1.65
N LYS A 199 -7.71 -13.92 -2.96
CA LYS A 199 -6.74 -14.51 -3.88
C LYS A 199 -6.68 -13.72 -5.17
N LEU A 200 -5.52 -13.12 -5.42
CA LEU A 200 -5.39 -12.31 -6.62
C LEU A 200 -5.19 -13.20 -7.83
N ALA A 201 -6.16 -13.13 -8.75
CA ALA A 201 -6.12 -13.95 -9.96
C ALA A 201 -4.76 -13.88 -10.66
N GLY A 202 -4.05 -15.01 -10.67
CA GLY A 202 -2.84 -15.17 -11.46
C GLY A 202 -1.55 -14.54 -10.95
N MET A 203 -1.42 -14.40 -9.63
CA MET A 203 -0.13 -14.03 -9.06
C MET A 203 0.94 -15.05 -9.40
N GLU A 204 0.51 -16.26 -9.75
CA GLU A 204 1.46 -17.33 -10.04
C GLU A 204 1.98 -17.29 -11.49
N GLU A 205 1.59 -16.25 -12.22
CA GLU A 205 2.08 -16.06 -13.59
C GLU A 205 3.11 -14.94 -13.62
N GLU A 206 3.35 -14.35 -12.45
CA GLU A 206 4.34 -13.28 -12.33
C GLU A 206 5.53 -13.76 -11.52
N ASP A 207 6.64 -13.06 -11.67
CA ASP A 207 7.87 -13.33 -10.91
C ASP A 207 7.93 -12.32 -9.77
N LEU A 208 7.53 -12.74 -8.57
CA LEU A 208 7.43 -11.82 -7.43
C LEU A 208 8.53 -12.13 -6.41
N ALA A 209 8.84 -11.13 -5.58
CA ALA A 209 9.89 -11.27 -4.56
C ALA A 209 9.46 -12.25 -3.48
N PHE A 210 10.40 -12.64 -2.61
CA PHE A 210 10.13 -13.50 -1.45
C PHE A 210 9.59 -14.88 -1.81
N SER A 211 10.06 -15.46 -2.91
CA SER A 211 9.58 -16.76 -3.30
C SER A 211 10.19 -17.84 -2.39
N THR A 212 11.35 -17.54 -1.80
CA THR A 212 12.03 -18.53 -0.95
C THR A 212 11.93 -18.21 0.55
N LYS A 213 12.01 -19.24 1.39
CA LYS A 213 11.91 -19.04 2.83
CA LYS A 213 11.91 -19.03 2.84
C LYS A 213 13.10 -18.21 3.32
N GLU A 214 14.26 -18.46 2.72
CA GLU A 214 15.48 -17.76 3.12
CA GLU A 214 15.48 -17.76 3.12
C GLU A 214 15.37 -16.25 2.90
N GLU A 215 14.86 -15.84 1.75
CA GLU A 215 14.65 -14.40 1.52
CA GLU A 215 14.59 -14.43 1.47
C GLU A 215 13.66 -13.82 2.54
N GLN A 216 12.61 -14.57 2.90
CA GLN A 216 11.67 -14.08 3.91
C GLN A 216 12.35 -13.95 5.30
N GLN A 217 13.23 -14.89 5.58
CA GLN A 217 13.95 -14.89 6.86
C GLN A 217 14.89 -13.69 6.95
N GLN A 218 15.48 -13.30 5.82
CA GLN A 218 16.32 -12.11 5.77
C GLN A 218 15.51 -10.89 6.20
N LEU A 219 14.30 -10.76 5.66
CA LEU A 219 13.46 -9.61 5.99
C LEU A 219 13.01 -9.69 7.46
N LEU A 220 12.60 -10.87 7.90
CA LEU A 220 12.20 -11.11 9.29
C LEU A 220 13.28 -10.66 10.30
N GLN A 221 14.54 -10.98 10.01
CA GLN A 221 15.65 -10.58 10.89
C GLN A 221 15.71 -9.05 10.97
N LYS A 222 15.53 -8.40 9.82
CA LYS A 222 15.62 -6.94 9.75
C LYS A 222 14.47 -6.29 10.53
N VAL A 223 13.28 -6.86 10.43
CA VAL A 223 12.12 -6.36 11.17
C VAL A 223 12.32 -6.56 12.67
N LEU A 224 12.84 -7.72 13.06
CA LEU A 224 13.08 -7.98 14.48
C LEU A 224 14.13 -7.06 15.09
N ALA A 225 15.03 -6.55 14.25
CA ALA A 225 16.08 -5.65 14.71
C ALA A 225 15.58 -4.22 14.93
N ALA A 226 14.43 -3.91 14.34
CA ALA A 226 13.80 -2.59 14.44
C ALA A 226 13.30 -2.34 15.87
N THR A 227 12.95 -1.09 16.20
CA THR A 227 12.47 -0.75 17.54
C THR A 227 11.03 -0.26 17.48
N ASP A 228 10.40 -0.07 18.64
CA ASP A 228 9.04 0.48 18.70
C ASP A 228 8.93 1.82 17.97
N LEU A 229 10.02 2.58 17.93
CA LEU A 229 10.01 3.85 17.21
C LEU A 229 9.84 3.59 15.71
N ASP A 230 10.49 2.55 15.21
CA ASP A 230 10.34 2.21 13.80
C ASP A 230 8.93 1.80 13.41
N ALA A 231 8.10 1.44 14.40
CA ALA A 231 6.72 1.01 14.11
C ALA A 231 5.66 2.10 14.30
N GLU A 232 6.09 3.30 14.67
CA GLU A 232 5.18 4.45 14.76
C GLU A 232 4.91 5.02 13.38
N GLU A 233 3.70 5.54 13.20
CA GLU A 233 3.41 6.31 12.01
C GLU A 233 4.29 7.54 11.92
N GLU A 234 4.63 7.92 10.71
CA GLU A 234 5.27 9.20 10.48
C GLU A 234 4.33 10.30 11.00
N VAL A 235 4.86 11.16 11.86
CA VAL A 235 4.11 12.33 12.29
C VAL A 235 4.67 13.54 11.54
N VAL A 236 3.80 14.49 11.18
CA VAL A 236 4.24 15.74 10.53
C VAL A 236 3.29 16.92 10.80
N ALA A 237 3.86 18.10 11.02
CA ALA A 237 3.07 19.31 11.22
C ALA A 237 3.35 20.33 10.12
#